data_3CWD
#
_entry.id   3CWD
#
_cell.length_a   84.043
_cell.length_b   86.197
_cell.length_c   97.350
_cell.angle_alpha   90.00
_cell.angle_beta   90.00
_cell.angle_gamma   90.00
#
_symmetry.space_group_name_H-M   'P 21 21 21'
#
loop_
_entity.id
_entity.type
_entity.pdbx_description
1 polymer 'Peroxisome proliferator-activated receptor gamma'
2 polymer 'SRC1-2 PEPTIDE'
3 non-polymer '(9E,12Z)-10-nitrooctadeca-9,12-dienoic acid'
4 non-polymer '(9Z,12E)-12-nitrooctadeca-9,12-dienoic acid'
5 water water
#
loop_
_entity_poly.entity_id
_entity_poly.type
_entity_poly.pdbx_seq_one_letter_code
_entity_poly.pdbx_strand_id
1 'polypeptide(L)'
;SADLRALAKHLYDSYIKSFPLTKAKARAILTGKTTDKSPFVIYDMNSLMMGEDKIKFKHITPLQEQSKEVAIRIFQGCQF
RSVEAVQEITEYAKSIPGFVNLDLNDQVTLLKYGVHEIIYTMLASLMNKDGVLISEGQGFMTREFLKSLRKPFGDFMEPK
FEFAVKFNALELDDSDLAIFIAVIILSGDRPGLLNVKPIEDIQDNLLQALELQLKLNHPESSQLFAKLLQKMTDLRQIVT
EHVQLLQVIKKTETDMSLHPLLQEIYKDLY
;
A,B
2 'polypeptide(L)' ERHKILHRLLQEGSPS C,D
#
loop_
_chem_comp.id
_chem_comp.type
_chem_comp.name
_chem_comp.formula
LNA non-polymer '(9E,12Z)-10-nitrooctadeca-9,12-dienoic acid' 'C18 H31 N O4'
LNB non-polymer '(9Z,12E)-12-nitrooctadeca-9,12-dienoic acid' 'C18 H31 N O4'
#
# COMPACT_ATOMS: atom_id res chain seq x y z
N SER A 1 1.64 -9.76 -28.15
CA SER A 1 2.41 -10.70 -27.31
C SER A 1 3.88 -10.64 -27.68
N ALA A 2 4.13 -10.60 -29.00
CA ALA A 2 5.47 -10.37 -29.53
C ALA A 2 5.79 -8.91 -29.28
N ASP A 3 4.75 -8.07 -29.32
CA ASP A 3 4.77 -6.69 -28.82
C ASP A 3 5.20 -6.71 -27.33
N LEU A 4 4.57 -7.55 -26.53
CA LEU A 4 4.82 -7.62 -25.08
C LEU A 4 6.24 -8.10 -24.76
N ARG A 5 6.69 -9.08 -25.53
CA ARG A 5 8.04 -9.63 -25.45
C ARG A 5 9.08 -8.62 -25.87
N ALA A 6 8.81 -7.89 -26.94
CA ALA A 6 9.76 -6.88 -27.44
C ALA A 6 9.86 -5.70 -26.46
N LEU A 7 8.75 -5.38 -25.78
CA LEU A 7 8.79 -4.33 -24.78
C LEU A 7 9.64 -4.76 -23.55
N ALA A 8 9.49 -6.01 -23.14
CA ALA A 8 10.34 -6.62 -22.08
C ALA A 8 11.85 -6.53 -22.40
N LYS A 9 12.23 -7.05 -23.57
CA LYS A 9 13.59 -6.91 -24.12
C LYS A 9 14.13 -5.47 -24.13
N HIS A 10 13.37 -4.55 -24.71
CA HIS A 10 13.78 -3.14 -24.77
C HIS A 10 14.00 -2.54 -23.36
N LEU A 11 13.01 -2.69 -22.49
CA LEU A 11 13.19 -2.33 -21.03
C LEU A 11 14.44 -2.94 -20.41
N TYR A 12 14.63 -4.25 -20.58
CA TYR A 12 15.84 -4.94 -20.12
C TYR A 12 17.13 -4.32 -20.65
N ASP A 13 17.22 -4.16 -21.98
CA ASP A 13 18.35 -3.52 -22.63
C ASP A 13 18.72 -2.13 -22.11
N SER A 14 17.73 -1.25 -21.92
CA SER A 14 18.02 0.10 -21.37
C SER A 14 18.36 0.07 -19.90
N TYR A 15 17.75 -0.84 -19.18
CA TYR A 15 18.07 -1.12 -17.80
C TYR A 15 19.55 -1.44 -17.66
N ILE A 16 20.07 -2.37 -18.48
CA ILE A 16 21.53 -2.67 -18.60
C ILE A 16 22.43 -1.45 -18.83
N LYS A 17 22.01 -0.61 -19.76
CA LYS A 17 22.71 0.64 -20.06
C LYS A 17 22.68 1.64 -18.90
N SER A 18 21.54 1.79 -18.27
CA SER A 18 21.38 2.84 -17.27
C SER A 18 21.98 2.53 -15.90
N PHE A 19 22.02 1.25 -15.55
CA PHE A 19 22.37 0.82 -14.22
C PHE A 19 23.62 -0.04 -14.24
N PRO A 20 24.75 0.54 -13.76
CA PRO A 20 26.11 -0.05 -13.81
C PRO A 20 26.25 -1.37 -13.05
N LEU A 21 25.47 -1.55 -11.97
CA LEU A 21 25.51 -2.78 -11.20
C LEU A 21 24.19 -3.51 -11.27
N THR A 22 24.18 -4.65 -11.95
CA THR A 22 22.99 -5.47 -12.02
C THR A 22 22.84 -6.43 -10.79
N LYS A 23 21.67 -7.04 -10.63
CA LYS A 23 21.40 -8.01 -9.56
C LYS A 23 22.24 -9.26 -9.75
N ALA A 24 22.42 -9.69 -11.01
CA ALA A 24 23.31 -10.82 -11.36
C ALA A 24 24.72 -10.66 -10.83
N LYS A 25 25.31 -9.51 -11.16
CA LYS A 25 26.61 -9.08 -10.66
C LYS A 25 26.67 -8.90 -9.14
N ALA A 26 25.74 -8.14 -8.57
CA ALA A 26 25.65 -8.02 -7.11
C ALA A 26 25.52 -9.41 -6.43
N ARG A 27 24.75 -10.32 -7.04
CA ARG A 27 24.46 -11.63 -6.47
C ARG A 27 25.71 -12.50 -6.47
N ALA A 28 26.46 -12.44 -7.57
CA ALA A 28 27.70 -13.19 -7.73
C ALA A 28 28.78 -12.72 -6.73
N ILE A 29 28.86 -11.41 -6.51
CA ILE A 29 29.72 -10.88 -5.49
C ILE A 29 29.28 -11.30 -4.06
N LEU A 30 28.01 -11.10 -3.75
CA LEU A 30 27.45 -11.38 -2.43
C LEU A 30 27.56 -12.85 -2.04
N THR A 31 27.48 -13.73 -3.02
CA THR A 31 27.51 -15.17 -2.74
C THR A 31 28.91 -15.80 -2.85
N GLY A 32 29.94 -14.98 -3.13
CA GLY A 32 31.34 -15.45 -3.21
C GLY A 32 31.70 -16.21 -4.48
N LYS A 33 30.89 -16.01 -5.51
CA LYS A 33 30.98 -16.78 -6.75
C LYS A 33 31.64 -15.96 -7.87
N THR A 34 32.43 -14.95 -7.52
CA THR A 34 32.79 -13.90 -8.47
C THR A 34 34.07 -14.07 -9.31
N THR A 35 35.22 -14.32 -8.66
CA THR A 35 36.56 -14.16 -9.27
C THR A 35 37.05 -12.71 -9.15
N ASP A 36 36.11 -11.76 -9.26
CA ASP A 36 36.44 -10.31 -9.31
C ASP A 36 36.86 -9.77 -7.97
N LYS A 37 38.04 -10.17 -7.51
CA LYS A 37 38.51 -9.85 -6.18
C LYS A 37 37.42 -10.17 -5.18
N SER A 38 37.31 -9.31 -4.16
CA SER A 38 36.44 -9.45 -3.00
C SER A 38 36.37 -8.05 -2.36
N PRO A 39 35.15 -7.54 -2.13
CA PRO A 39 34.95 -6.19 -1.62
C PRO A 39 35.62 -5.91 -0.26
N PHE A 40 36.10 -4.69 -0.07
CA PHE A 40 36.55 -4.22 1.25
C PHE A 40 35.34 -4.15 2.21
N VAL A 41 35.52 -4.74 3.39
CA VAL A 41 34.45 -4.80 4.40
C VAL A 41 34.56 -3.61 5.37
N ILE A 42 33.42 -2.98 5.61
CA ILE A 42 33.31 -1.83 6.49
C ILE A 42 32.36 -2.24 7.60
N TYR A 43 32.92 -2.35 8.80
CA TYR A 43 32.20 -2.88 9.94
C TYR A 43 32.34 -1.95 11.11
N ASP A 44 33.17 -0.91 10.92
CA ASP A 44 33.41 0.10 11.94
C ASP A 44 34.11 1.31 11.38
N MET A 45 34.47 2.18 12.30
CA MET A 45 35.12 3.47 12.07
C MET A 45 36.45 3.37 11.35
N ASN A 46 37.39 2.65 11.95
CA ASN A 46 38.70 2.41 11.35
C ASN A 46 38.64 1.70 9.98
N SER A 47 37.73 0.74 9.82
CA SER A 47 37.56 0.09 8.52
C SER A 47 36.90 1.05 7.51
N LEU A 48 35.95 1.87 7.99
CA LEU A 48 35.47 3.00 7.16
C LEU A 48 36.60 3.86 6.64
N MET A 49 37.55 4.18 7.50
CA MET A 49 38.70 5.02 7.12
C MET A 49 39.69 4.36 6.15
N MET A 50 40.10 3.12 6.42
CA MET A 50 40.93 2.35 5.48
C MET A 50 40.22 2.08 4.15
N GLY A 51 38.88 2.02 4.18
CA GLY A 51 38.05 1.94 3.00
C GLY A 51 38.12 3.21 2.15
N GLU A 52 39.33 3.57 1.75
CA GLU A 52 39.57 4.73 0.87
C GLU A 52 40.30 4.28 -0.39
N ASP A 53 39.60 4.39 -1.51
CA ASP A 53 40.08 3.87 -2.79
C ASP A 53 40.23 4.99 -3.82
N SER A 67 37.17 16.14 6.76
CA SER A 67 35.78 16.50 6.45
C SER A 67 34.77 15.97 7.46
N LYS A 68 34.54 16.76 8.52
CA LYS A 68 33.38 16.65 9.42
C LYS A 68 33.24 15.40 10.31
N GLU A 69 31.98 15.04 10.60
CA GLU A 69 31.61 14.06 11.61
C GLU A 69 31.16 12.72 11.03
N VAL A 70 31.39 11.66 11.82
CA VAL A 70 30.98 10.28 11.58
C VAL A 70 29.70 10.06 10.75
N ALA A 71 28.55 10.11 11.41
CA ALA A 71 27.26 9.78 10.78
C ALA A 71 26.92 10.70 9.61
N ILE A 72 27.38 11.95 9.73
CA ILE A 72 27.29 12.97 8.69
C ILE A 72 28.07 12.59 7.43
N ARG A 73 29.27 12.04 7.62
CA ARG A 73 30.11 11.60 6.51
C ARG A 73 29.40 10.53 5.69
N ILE A 74 28.93 9.48 6.36
CA ILE A 74 28.10 8.47 5.69
C ILE A 74 26.89 9.12 5.02
N PHE A 75 26.21 10.02 5.74
CA PHE A 75 25.04 10.72 5.19
C PHE A 75 25.36 11.44 3.87
N GLN A 76 26.48 12.19 3.85
CA GLN A 76 26.90 12.94 2.65
C GLN A 76 27.36 12.03 1.50
N GLY A 77 28.13 11.00 1.84
CA GLY A 77 28.53 9.97 0.87
C GLY A 77 27.30 9.47 0.15
N CYS A 78 26.35 8.92 0.91
CA CYS A 78 25.10 8.37 0.39
C CYS A 78 24.39 9.35 -0.54
N GLN A 79 24.57 10.64 -0.27
CA GLN A 79 24.00 11.72 -1.11
C GLN A 79 24.56 11.89 -2.51
N PHE A 80 25.88 11.81 -2.67
CA PHE A 80 26.48 11.75 -4.00
C PHE A 80 25.88 10.59 -4.84
N ARG A 81 25.61 9.45 -4.22
CA ARG A 81 25.17 8.26 -4.96
C ARG A 81 23.65 8.22 -5.13
N SER A 82 22.95 8.91 -4.24
CA SER A 82 21.52 9.06 -4.39
C SER A 82 21.21 10.03 -5.54
N VAL A 83 22.04 11.06 -5.68
CA VAL A 83 21.95 11.97 -6.81
C VAL A 83 22.22 11.20 -8.12
N GLU A 84 23.28 10.40 -8.12
CA GLU A 84 23.68 9.62 -9.27
C GLU A 84 22.60 8.66 -9.69
N ALA A 85 21.97 8.03 -8.68
CA ALA A 85 20.83 7.12 -8.88
C ALA A 85 19.62 7.78 -9.55
N VAL A 86 19.28 9.00 -9.09
CA VAL A 86 18.25 9.86 -9.75
C VAL A 86 18.56 10.16 -11.21
N GLN A 87 19.81 10.50 -11.49
CA GLN A 87 20.30 10.64 -12.88
C GLN A 87 20.10 9.37 -13.70
N GLU A 88 20.46 8.22 -13.14
CA GLU A 88 20.35 6.93 -13.83
C GLU A 88 18.92 6.61 -14.11
N ILE A 89 18.05 6.82 -13.12
CA ILE A 89 16.63 6.50 -13.21
C ILE A 89 15.92 7.42 -14.19
N THR A 90 16.35 8.68 -14.27
CA THR A 90 15.78 9.62 -15.23
C THR A 90 16.16 9.18 -16.64
N GLU A 91 17.41 8.81 -16.82
CA GLU A 91 17.87 8.29 -18.09
C GLU A 91 16.95 7.15 -18.51
N TYR A 92 16.81 6.17 -17.61
CA TYR A 92 15.98 4.99 -17.84
C TYR A 92 14.49 5.29 -18.11
N ALA A 93 13.89 6.20 -17.33
CA ALA A 93 12.50 6.63 -17.55
C ALA A 93 12.28 7.17 -18.96
N LYS A 94 13.26 7.91 -19.46
CA LYS A 94 13.13 8.48 -20.78
C LYS A 94 13.00 7.42 -21.88
N SER A 95 13.49 6.21 -21.58
CA SER A 95 13.47 5.06 -22.47
C SER A 95 12.13 4.30 -22.52
N ILE A 96 11.30 4.49 -21.49
CA ILE A 96 9.98 3.88 -21.42
C ILE A 96 9.08 4.43 -22.53
N PRO A 97 8.68 3.59 -23.51
CA PRO A 97 7.92 4.18 -24.63
C PRO A 97 6.70 4.93 -24.10
N GLY A 98 6.52 6.17 -24.58
CA GLY A 98 5.35 6.97 -24.20
C GLY A 98 5.66 7.99 -23.11
N PHE A 99 6.70 7.74 -22.31
CA PHE A 99 7.14 8.66 -21.25
C PHE A 99 7.50 10.08 -21.71
N VAL A 100 8.37 10.21 -22.72
CA VAL A 100 8.76 11.56 -23.18
C VAL A 100 7.70 12.23 -24.07
N ASN A 101 6.62 11.50 -24.33
CA ASN A 101 5.46 12.03 -25.05
C ASN A 101 4.48 12.72 -24.13
N LEU A 102 4.72 12.57 -22.82
CA LEU A 102 3.85 13.07 -21.76
C LEU A 102 4.14 14.53 -21.51
N ASP A 103 3.16 15.24 -20.97
CA ASP A 103 3.35 16.59 -20.46
C ASP A 103 4.58 16.67 -19.57
N LEU A 104 5.38 17.71 -19.82
CA LEU A 104 6.66 17.92 -19.12
C LEU A 104 6.57 17.99 -17.58
N ASN A 105 5.50 18.60 -17.05
CA ASN A 105 5.27 18.68 -15.59
C ASN A 105 4.92 17.33 -14.95
N ASP A 106 4.24 16.48 -15.73
CA ASP A 106 3.82 15.16 -15.32
C ASP A 106 4.99 14.21 -15.31
N GLN A 107 5.93 14.43 -16.25
CA GLN A 107 7.21 13.72 -16.32
C GLN A 107 8.02 13.93 -15.04
N VAL A 108 8.07 15.19 -14.61
CA VAL A 108 8.78 15.64 -13.42
C VAL A 108 8.15 15.03 -12.19
N THR A 109 6.83 15.11 -12.11
CA THR A 109 6.02 14.50 -11.02
C THR A 109 6.23 12.99 -10.84
N LEU A 110 6.14 12.26 -11.94
CA LEU A 110 6.47 10.82 -12.04
C LEU A 110 7.85 10.47 -11.49
N LEU A 111 8.83 11.29 -11.82
CA LEU A 111 10.19 11.13 -11.30
C LEU A 111 10.27 11.50 -9.83
N LYS A 112 9.81 12.70 -9.53
CA LYS A 112 9.71 13.23 -8.17
C LYS A 112 9.21 12.18 -7.14
N TYR A 113 8.11 11.51 -7.46
CA TYR A 113 7.45 10.56 -6.57
C TYR A 113 7.97 9.13 -6.77
N GLY A 114 8.51 8.84 -7.97
CA GLY A 114 8.83 7.46 -8.34
C GLY A 114 10.21 7.00 -7.92
N VAL A 115 11.11 7.96 -7.83
CA VAL A 115 12.53 7.69 -7.70
C VAL A 115 12.91 6.92 -6.37
N HIS A 116 12.25 7.27 -5.26
CA HIS A 116 12.50 6.65 -3.93
C HIS A 116 12.11 5.18 -3.97
N GLU A 117 10.95 4.92 -4.57
CA GLU A 117 10.39 3.58 -4.63
C GLU A 117 11.26 2.64 -5.44
N ILE A 118 11.82 3.17 -6.52
CA ILE A 118 12.82 2.50 -7.35
C ILE A 118 14.22 2.33 -6.71
N ILE A 119 14.64 3.35 -5.95
CA ILE A 119 15.88 3.23 -5.21
C ILE A 119 15.80 2.09 -4.20
N TYR A 120 14.68 1.99 -3.49
CA TYR A 120 14.51 0.97 -2.47
C TYR A 120 14.45 -0.42 -3.04
N THR A 121 13.74 -0.54 -4.15
CA THR A 121 13.60 -1.78 -4.93
C THR A 121 14.95 -2.30 -5.39
N MET A 122 15.76 -1.40 -5.94
CA MET A 122 17.08 -1.77 -6.53
C MET A 122 18.19 -1.89 -5.49
N LEU A 123 18.07 -1.13 -4.42
CA LEU A 123 18.89 -1.31 -3.24
C LEU A 123 18.75 -2.72 -2.65
N ALA A 124 17.59 -3.37 -2.75
CA ALA A 124 17.47 -4.76 -2.32
C ALA A 124 18.49 -5.66 -3.03
N SER A 125 18.68 -5.44 -4.34
CA SER A 125 19.62 -6.20 -5.17
C SER A 125 21.01 -6.23 -4.57
N LEU A 126 21.36 -5.16 -3.83
CA LEU A 126 22.72 -4.97 -3.26
C LEU A 126 22.83 -5.46 -1.83
N MET A 127 21.74 -6.04 -1.34
CA MET A 127 21.63 -6.37 0.05
C MET A 127 21.49 -7.87 0.29
N ASN A 128 22.17 -8.35 1.33
CA ASN A 128 21.66 -9.52 2.04
C ASN A 128 21.22 -9.01 3.40
N LYS A 129 21.02 -9.92 4.36
CA LYS A 129 20.51 -9.56 5.69
C LYS A 129 21.61 -8.98 6.60
N ASP A 130 22.84 -9.12 6.17
CA ASP A 130 23.96 -8.72 7.02
C ASP A 130 24.69 -7.52 6.47
N GLY A 131 24.36 -7.08 5.27
CA GLY A 131 25.02 -5.88 4.74
C GLY A 131 24.73 -5.51 3.29
N VAL A 132 25.43 -4.49 2.83
CA VAL A 132 25.10 -3.86 1.54
C VAL A 132 26.36 -3.55 0.73
N LEU A 133 26.30 -3.81 -0.57
CA LEU A 133 27.38 -3.46 -1.48
C LEU A 133 27.33 -2.01 -1.74
N ILE A 134 28.53 -1.42 -1.77
CA ILE A 134 28.73 0.00 -2.02
C ILE A 134 29.91 0.11 -2.99
N SER A 135 30.07 1.30 -3.58
CA SER A 135 31.10 1.57 -4.58
C SER A 135 30.95 0.60 -5.75
N GLU A 136 29.71 0.47 -6.20
CA GLU A 136 29.34 -0.54 -7.20
CA GLU A 136 29.23 -0.61 -7.07
C GLU A 136 30.04 -1.91 -7.00
N GLY A 137 29.85 -2.56 -5.88
CA GLY A 137 30.43 -3.88 -5.66
C GLY A 137 31.84 -3.94 -5.09
N GLN A 138 32.52 -2.80 -4.96
CA GLN A 138 33.91 -2.73 -4.49
C GLN A 138 33.95 -2.81 -2.97
N GLY A 139 32.82 -2.52 -2.34
CA GLY A 139 32.75 -2.48 -0.89
C GLY A 139 31.62 -3.30 -0.35
N PHE A 140 31.75 -3.68 0.92
CA PHE A 140 30.65 -4.24 1.67
C PHE A 140 30.56 -3.57 3.07
N MET A 141 29.44 -2.86 3.29
CA MET A 141 29.13 -2.22 4.56
C MET A 141 28.06 -3.00 5.34
N THR A 142 28.41 -3.35 6.59
CA THR A 142 27.59 -4.20 7.44
C THR A 142 26.37 -3.47 7.97
N ARG A 143 25.27 -4.22 8.11
CA ARG A 143 23.99 -3.70 8.58
C ARG A 143 24.13 -3.12 10.00
N GLU A 144 24.82 -3.89 10.86
CA GLU A 144 25.06 -3.61 12.25
C GLU A 144 25.80 -2.33 12.40
N PHE A 145 26.79 -2.09 11.52
CA PHE A 145 27.52 -0.82 11.53
C PHE A 145 26.66 0.40 11.19
N LEU A 146 25.88 0.33 10.11
CA LEU A 146 25.03 1.45 9.72
C LEU A 146 24.04 1.69 10.87
N LYS A 147 23.74 0.63 11.61
CA LYS A 147 22.85 0.72 12.78
C LYS A 147 23.52 1.39 13.99
N SER A 148 24.84 1.53 13.97
CA SER A 148 25.59 2.04 15.11
C SER A 148 25.80 3.56 15.06
N LEU A 149 25.15 4.21 14.11
CA LEU A 149 25.27 5.65 13.92
C LEU A 149 24.25 6.29 14.86
N ARG A 150 24.63 7.47 15.34
CA ARG A 150 23.82 8.26 16.25
C ARG A 150 22.48 8.71 15.67
N LYS A 151 21.60 9.13 16.57
CA LYS A 151 20.53 10.08 16.29
C LYS A 151 19.50 9.52 15.34
N PRO A 152 19.17 10.23 14.23
CA PRO A 152 18.27 9.59 13.24
C PRO A 152 19.01 8.78 12.19
N PHE A 153 20.34 8.85 12.19
CA PHE A 153 21.17 8.24 11.14
C PHE A 153 21.25 6.72 11.21
N GLY A 154 21.34 6.16 12.41
CA GLY A 154 21.42 4.72 12.57
C GLY A 154 20.09 4.03 12.37
N ASP A 155 19.07 4.80 12.02
CA ASP A 155 17.73 4.25 11.75
C ASP A 155 17.25 4.39 10.33
N PHE A 156 18.08 4.95 9.46
CA PHE A 156 17.74 5.07 8.06
C PHE A 156 17.71 3.72 7.33
N MET A 157 18.70 2.85 7.55
CA MET A 157 18.87 1.65 6.67
C MET A 157 18.03 0.45 7.03
N GLU A 158 17.70 0.31 8.31
CA GLU A 158 17.07 -0.89 8.87
C GLU A 158 15.77 -1.26 8.15
N PRO A 159 14.88 -0.27 7.92
CA PRO A 159 13.64 -0.62 7.25
C PRO A 159 13.90 -1.00 5.79
N LYS A 160 15.08 -0.65 5.26
CA LYS A 160 15.45 -1.03 3.87
C LYS A 160 15.86 -2.49 3.85
N PHE A 161 16.70 -2.89 4.82
CA PHE A 161 17.15 -4.26 4.97
C PHE A 161 15.98 -5.15 5.22
N GLU A 162 15.09 -4.73 6.15
CA GLU A 162 13.82 -5.42 6.50
C GLU A 162 13.01 -5.70 5.22
N PHE A 163 12.76 -4.66 4.42
CA PHE A 163 12.10 -4.80 3.14
C PHE A 163 12.89 -5.66 2.13
N ALA A 164 14.21 -5.43 1.99
CA ALA A 164 15.05 -6.25 1.08
C ALA A 164 14.93 -7.75 1.35
N VAL A 165 14.87 -8.15 2.64
CA VAL A 165 14.73 -9.56 3.02
C VAL A 165 13.38 -10.12 2.54
N LYS A 166 12.32 -9.35 2.75
CA LYS A 166 11.00 -9.71 2.21
C LYS A 166 11.00 -9.77 0.65
N PHE A 167 11.55 -8.74 0.02
CA PHE A 167 11.52 -8.58 -1.43
C PHE A 167 12.41 -9.59 -2.15
N ASN A 168 13.63 -9.78 -1.65
CA ASN A 168 14.55 -10.75 -2.25
C ASN A 168 14.11 -12.18 -2.29
N ALA A 169 13.09 -12.53 -1.49
CA ALA A 169 12.58 -13.92 -1.45
C ALA A 169 11.65 -14.22 -2.66
N LEU A 170 11.28 -13.17 -3.38
CA LEU A 170 10.56 -13.30 -4.62
C LEU A 170 11.50 -13.79 -5.72
N GLU A 171 12.81 -13.53 -5.57
CA GLU A 171 13.85 -14.09 -6.43
C GLU A 171 13.78 -13.61 -7.91
N LEU A 172 13.44 -12.33 -8.06
CA LEU A 172 13.34 -11.65 -9.34
C LEU A 172 14.70 -11.47 -9.93
N ASP A 173 14.81 -11.47 -11.24
CA ASP A 173 16.08 -11.16 -11.82
C ASP A 173 15.94 -9.82 -12.55
N ASP A 174 16.99 -9.37 -13.19
CA ASP A 174 17.00 -8.06 -13.82
C ASP A 174 15.91 -7.91 -14.88
N SER A 175 15.68 -8.98 -15.65
CA SER A 175 14.58 -9.04 -16.62
C SER A 175 13.23 -8.65 -16.00
N ASP A 176 12.95 -9.21 -14.81
CA ASP A 176 11.68 -8.93 -14.13
C ASP A 176 11.71 -7.50 -13.66
N LEU A 177 12.81 -7.15 -13.00
CA LEU A 177 13.01 -5.83 -12.38
C LEU A 177 12.91 -4.64 -13.37
N ALA A 178 13.47 -4.82 -14.60
CA ALA A 178 13.40 -3.82 -15.65
C ALA A 178 11.96 -3.39 -15.84
N ILE A 179 11.06 -4.35 -15.94
CA ILE A 179 9.65 -4.03 -16.11
C ILE A 179 8.99 -3.46 -14.88
N PHE A 180 9.27 -4.06 -13.71
CA PHE A 180 8.65 -3.64 -12.43
C PHE A 180 8.87 -2.18 -12.14
N ILE A 181 10.10 -1.71 -12.33
CA ILE A 181 10.43 -0.30 -12.10
C ILE A 181 9.80 0.72 -13.10
N ALA A 182 9.62 0.32 -14.36
CA ALA A 182 8.76 1.05 -15.32
C ALA A 182 7.34 1.14 -14.81
N VAL A 183 6.79 0.04 -14.28
CA VAL A 183 5.46 0.08 -13.66
C VAL A 183 5.39 1.12 -12.53
N ILE A 184 6.31 1.07 -11.59
CA ILE A 184 6.35 2.06 -10.51
C ILE A 184 6.39 3.50 -11.05
N ILE A 185 7.29 3.83 -11.98
CA ILE A 185 7.38 5.18 -12.56
C ILE A 185 6.03 5.64 -13.18
N LEU A 186 5.36 4.73 -13.89
CA LEU A 186 4.11 5.06 -14.58
C LEU A 186 2.88 4.91 -13.69
N SER A 187 2.94 5.49 -12.49
CA SER A 187 1.82 5.45 -11.57
C SER A 187 0.95 6.68 -11.75
N GLY A 188 -0.28 6.43 -12.19
CA GLY A 188 -1.24 7.48 -12.44
C GLY A 188 -1.78 8.11 -11.18
N ASP A 189 -1.38 7.61 -10.01
CA ASP A 189 -1.94 8.11 -8.76
C ASP A 189 -1.03 9.04 -7.98
N ARG A 190 0.00 9.57 -8.64
CA ARG A 190 0.91 10.55 -8.03
C ARG A 190 0.14 11.86 -7.90
N PRO A 191 0.31 12.54 -6.76
CA PRO A 191 -0.39 13.81 -6.50
C PRO A 191 0.02 14.92 -7.49
N GLY A 192 -0.95 15.77 -7.86
CA GLY A 192 -0.71 16.93 -8.75
C GLY A 192 -0.45 16.59 -10.20
N LEU A 193 -0.72 15.33 -10.57
CA LEU A 193 -0.67 14.90 -11.97
C LEU A 193 -1.82 15.51 -12.77
N LEU A 194 -1.47 16.07 -13.93
CA LEU A 194 -2.43 16.73 -14.81
C LEU A 194 -3.16 15.72 -15.70
N ASN A 195 -2.42 14.89 -16.43
CA ASN A 195 -3.07 13.95 -17.36
C ASN A 195 -2.78 12.51 -16.97
N VAL A 196 -3.70 12.02 -16.14
CA VAL A 196 -3.67 10.72 -15.53
C VAL A 196 -3.83 9.64 -16.62
N LYS A 197 -4.82 9.83 -17.48
CA LYS A 197 -5.19 8.80 -18.46
C LYS A 197 -4.01 8.26 -19.25
N PRO A 198 -3.24 9.13 -19.96
CA PRO A 198 -2.14 8.57 -20.79
C PRO A 198 -1.06 7.83 -19.99
N ILE A 199 -0.85 8.20 -18.72
CA ILE A 199 0.06 7.47 -17.84
C ILE A 199 -0.49 6.05 -17.54
N GLU A 200 -1.77 5.98 -17.20
CA GLU A 200 -2.42 4.72 -16.87
C GLU A 200 -2.57 3.76 -18.08
N ASP A 201 -2.64 4.30 -19.29
CA ASP A 201 -2.60 3.50 -20.52
C ASP A 201 -1.21 2.91 -20.78
N ILE A 202 -0.17 3.65 -20.44
CA ILE A 202 1.19 3.12 -20.51
C ILE A 202 1.38 2.00 -19.45
N GLN A 203 0.91 2.23 -18.22
CA GLN A 203 1.15 1.28 -17.12
C GLN A 203 0.38 0.01 -17.33
N ASP A 204 -0.82 0.15 -17.89
CA ASP A 204 -1.65 -0.99 -18.26
C ASP A 204 -0.85 -1.91 -19.15
N ASN A 205 -0.23 -1.34 -20.17
CA ASN A 205 0.61 -2.04 -21.12
C ASN A 205 1.82 -2.70 -20.42
N LEU A 206 2.46 -1.94 -19.52
CA LEU A 206 3.60 -2.41 -18.74
C LEU A 206 3.24 -3.56 -17.82
N LEU A 207 2.01 -3.54 -17.29
CA LEU A 207 1.53 -4.60 -16.38
C LEU A 207 1.29 -5.89 -17.11
N GLN A 208 0.88 -5.77 -18.38
CA GLN A 208 0.67 -6.91 -19.26
C GLN A 208 1.96 -7.60 -19.62
N ALA A 209 3.04 -6.83 -19.83
CA ALA A 209 4.39 -7.35 -20.11
C ALA A 209 5.02 -7.92 -18.86
N LEU A 210 4.84 -7.24 -17.75
CA LEU A 210 5.24 -7.85 -16.47
C LEU A 210 4.53 -9.18 -16.17
N GLU A 211 3.21 -9.22 -16.33
CA GLU A 211 2.45 -10.46 -16.15
C GLU A 211 2.96 -11.62 -17.02
N LEU A 212 3.10 -11.40 -18.31
CA LEU A 212 3.69 -12.40 -19.21
C LEU A 212 5.17 -12.73 -18.90
N GLN A 213 5.97 -11.71 -18.62
CA GLN A 213 7.36 -11.93 -18.18
C GLN A 213 7.46 -12.88 -16.96
N LEU A 214 6.68 -12.61 -15.91
CA LEU A 214 6.65 -13.44 -14.69
C LEU A 214 6.17 -14.91 -14.86
N LYS A 215 5.08 -15.07 -15.61
CA LYS A 215 4.61 -16.39 -16.05
C LYS A 215 5.70 -17.24 -16.69
N LEU A 216 6.44 -16.67 -17.63
CA LEU A 216 7.40 -17.41 -18.46
C LEU A 216 8.71 -17.63 -17.75
N ASN A 217 9.20 -16.59 -17.07
CA ASN A 217 10.48 -16.65 -16.37
C ASN A 217 10.41 -17.39 -15.03
N HIS A 218 9.22 -17.41 -14.43
CA HIS A 218 8.98 -18.05 -13.15
C HIS A 218 7.70 -18.90 -13.21
N PRO A 219 7.73 -20.04 -13.93
CA PRO A 219 6.46 -20.69 -14.25
C PRO A 219 5.90 -21.43 -13.04
N GLU A 220 6.78 -21.79 -12.11
CA GLU A 220 6.36 -22.55 -10.93
C GLU A 220 6.05 -21.67 -9.71
N SER A 221 6.38 -20.37 -9.74
CA SER A 221 6.15 -19.58 -8.54
C SER A 221 4.81 -18.89 -8.68
N SER A 222 3.77 -19.52 -8.15
CA SER A 222 2.42 -19.10 -8.44
C SER A 222 2.11 -17.75 -7.81
N GLN A 223 1.23 -17.00 -8.49
CA GLN A 223 0.73 -15.69 -8.03
C GLN A 223 1.88 -14.73 -7.72
N LEU A 224 3.00 -14.89 -8.42
CA LEU A 224 4.13 -14.01 -8.27
C LEU A 224 3.73 -12.59 -8.65
N PHE A 225 3.05 -12.47 -9.77
CA PHE A 225 2.55 -11.20 -10.19
C PHE A 225 1.85 -10.45 -9.02
N ALA A 226 0.76 -11.02 -8.50
CA ALA A 226 0.06 -10.54 -7.30
C ALA A 226 0.97 -10.13 -6.16
N LYS A 227 1.91 -11.02 -5.80
CA LYS A 227 2.86 -10.85 -4.68
C LYS A 227 3.84 -9.72 -4.87
N LEU A 228 4.21 -9.49 -6.11
CA LEU A 228 5.08 -8.37 -6.49
C LEU A 228 4.36 -7.05 -6.34
N LEU A 229 3.17 -6.99 -6.92
CA LEU A 229 2.25 -5.88 -6.74
C LEU A 229 1.94 -5.59 -5.27
N GLN A 230 1.78 -6.63 -4.43
CA GLN A 230 1.61 -6.40 -2.99
C GLN A 230 2.79 -5.63 -2.40
N LYS A 231 4.00 -5.92 -2.86
CA LYS A 231 5.20 -5.19 -2.41
C LYS A 231 5.16 -3.68 -2.59
N MET A 232 4.29 -3.19 -3.49
CA MET A 232 4.08 -1.75 -3.69
C MET A 232 3.49 -1.02 -2.46
N THR A 233 2.88 -1.75 -1.52
CA THR A 233 2.40 -1.17 -0.26
C THR A 233 3.53 -1.05 0.75
N ASP A 234 4.47 -1.98 0.62
CA ASP A 234 5.61 -2.04 1.48
C ASP A 234 6.66 -1.00 1.04
N LEU A 235 6.80 -0.81 -0.26
CA LEU A 235 7.64 0.27 -0.79
C LEU A 235 7.16 1.65 -0.36
N ARG A 236 5.86 1.86 -0.32
CA ARG A 236 5.31 3.19 -0.06
C ARG A 236 5.31 3.57 1.43
N GLN A 237 5.19 2.58 2.32
CA GLN A 237 5.41 2.77 3.76
C GLN A 237 6.83 3.23 4.07
N ILE A 238 7.80 2.67 3.34
CA ILE A 238 9.22 3.00 3.50
C ILE A 238 9.48 4.43 3.10
N VAL A 239 8.93 4.82 1.95
CA VAL A 239 9.00 6.20 1.49
C VAL A 239 8.48 7.16 2.55
N THR A 240 7.28 6.86 3.04
CA THR A 240 6.59 7.60 4.10
C THR A 240 7.52 7.82 5.32
N GLU A 241 8.05 6.72 5.86
CA GLU A 241 9.05 6.68 6.95
C GLU A 241 10.33 7.47 6.69
N HIS A 242 10.92 7.28 5.51
CA HIS A 242 12.15 7.97 5.16
C HIS A 242 12.04 9.52 5.21
N VAL A 243 10.85 10.04 4.85
CA VAL A 243 10.59 11.49 4.82
C VAL A 243 10.45 12.05 6.23
N GLN A 244 9.73 11.34 7.09
CA GLN A 244 9.59 11.70 8.52
C GLN A 244 10.94 11.75 9.25
N LEU A 245 11.87 10.88 8.84
CA LEU A 245 13.23 10.88 9.37
C LEU A 245 14.02 12.09 8.88
N LEU A 246 13.77 12.50 7.63
CA LEU A 246 14.33 13.75 7.10
C LEU A 246 13.88 14.95 7.93
N GLN A 247 12.57 15.00 8.20
CA GLN A 247 11.97 16.09 9.01
C GLN A 247 12.53 16.18 10.43
N VAL A 248 13.17 15.11 10.88
CA VAL A 248 13.87 15.11 12.16
C VAL A 248 15.26 15.74 12.00
N ILE A 249 15.85 15.57 10.82
CA ILE A 249 17.15 16.17 10.49
C ILE A 249 17.03 17.69 10.22
N LYS A 250 15.81 18.13 9.87
CA LYS A 250 15.45 19.55 9.81
C LYS A 250 15.74 20.31 11.10
N LYS A 251 15.09 19.94 12.21
CA LYS A 251 15.34 20.61 13.49
C LYS A 251 16.60 20.10 14.18
N THR A 252 16.70 18.79 14.40
CA THR A 252 17.76 18.23 15.24
C THR A 252 19.17 18.58 14.76
N GLU A 253 19.36 18.65 13.45
CA GLU A 253 20.67 18.98 12.87
C GLU A 253 20.72 20.37 12.22
N THR A 254 21.84 21.05 12.47
CA THR A 254 22.02 22.46 12.13
C THR A 254 22.61 22.65 10.71
N ASP A 255 23.93 22.75 10.59
CA ASP A 255 24.56 22.80 9.27
C ASP A 255 24.70 21.41 8.66
N MET A 256 23.84 21.15 7.70
CA MET A 256 23.75 19.86 7.05
C MET A 256 23.36 20.10 5.60
N SER A 257 24.35 20.34 4.75
CA SER A 257 24.12 20.59 3.32
C SER A 257 23.26 19.47 2.67
N LEU A 258 22.08 19.86 2.19
CA LEU A 258 21.29 18.98 1.33
C LEU A 258 21.53 19.40 -0.12
N HIS A 259 21.72 18.40 -1.00
CA HIS A 259 21.97 18.62 -2.44
C HIS A 259 20.73 19.19 -3.11
N PRO A 260 20.89 20.25 -3.94
CA PRO A 260 19.83 20.94 -4.66
C PRO A 260 18.87 20.01 -5.37
N LEU A 261 19.40 19.07 -6.15
CA LEU A 261 18.57 18.02 -6.72
C LEU A 261 17.74 17.28 -5.66
N LEU A 262 18.31 16.96 -4.52
CA LEU A 262 17.54 16.25 -3.48
C LEU A 262 16.53 17.15 -2.80
N GLN A 263 16.89 18.41 -2.61
CA GLN A 263 15.97 19.47 -2.16
C GLN A 263 14.70 19.57 -2.99
N GLU A 264 14.84 19.67 -4.32
CA GLU A 264 13.66 19.84 -5.19
C GLU A 264 12.85 18.56 -5.28
N ILE A 265 13.53 17.43 -5.16
CA ILE A 265 12.91 16.12 -4.99
C ILE A 265 12.05 16.06 -3.71
N TYR A 266 12.57 16.60 -2.61
CA TYR A 266 11.91 16.51 -1.30
C TYR A 266 10.98 17.69 -0.96
N LYS A 267 11.10 18.80 -1.71
CA LYS A 267 10.22 19.96 -1.53
C LYS A 267 8.80 19.59 -1.95
N ASP A 268 7.88 19.72 -0.99
CA ASP A 268 6.45 19.46 -1.21
C ASP A 268 6.17 18.02 -1.67
N LEU A 269 6.23 17.11 -0.70
CA LEU A 269 6.14 15.67 -0.94
C LEU A 269 5.55 15.01 0.30
N TYR A 270 4.22 14.98 0.36
CA TYR A 270 3.45 14.55 1.54
C TYR A 270 4.16 14.49 2.92
N SER B 1 -10.43 -23.11 -13.64
CA SER B 1 -11.82 -23.03 -13.06
C SER B 1 -11.99 -24.02 -11.90
N ALA B 2 -13.23 -24.54 -11.76
CA ALA B 2 -13.58 -25.76 -10.96
C ALA B 2 -13.93 -25.56 -9.51
N ASP B 3 -13.03 -26.05 -8.68
CA ASP B 3 -12.84 -25.51 -7.35
C ASP B 3 -12.66 -23.97 -7.39
N LEU B 4 -12.07 -23.37 -8.43
CA LEU B 4 -11.91 -21.88 -8.42
C LEU B 4 -13.21 -21.11 -8.62
N ARG B 5 -14.03 -21.59 -9.55
CA ARG B 5 -15.41 -21.11 -9.69
C ARG B 5 -16.26 -21.54 -8.50
N ALA B 6 -16.07 -22.75 -8.00
CA ALA B 6 -16.80 -23.23 -6.79
C ALA B 6 -16.36 -22.51 -5.52
N LEU B 7 -15.12 -22.04 -5.50
CA LEU B 7 -14.59 -21.24 -4.39
C LEU B 7 -15.17 -19.80 -4.41
N ALA B 8 -15.31 -19.21 -5.60
CA ALA B 8 -15.97 -17.89 -5.74
C ALA B 8 -17.46 -17.90 -5.36
N LYS B 9 -18.18 -18.96 -5.75
CA LYS B 9 -19.57 -19.26 -5.38
C LYS B 9 -19.77 -19.48 -3.85
N HIS B 10 -18.87 -20.24 -3.23
CA HIS B 10 -18.92 -20.49 -1.78
C HIS B 10 -18.77 -19.18 -1.03
N LEU B 11 -17.71 -18.46 -1.35
CA LEU B 11 -17.49 -17.10 -0.83
C LEU B 11 -18.66 -16.13 -1.04
N TYR B 12 -19.11 -16.01 -2.28
CA TYR B 12 -20.29 -15.14 -2.52
C TYR B 12 -21.49 -15.48 -1.62
N ASP B 13 -21.77 -16.77 -1.42
CA ASP B 13 -22.92 -17.25 -0.62
C ASP B 13 -22.84 -16.92 0.90
N SER B 14 -21.63 -16.90 1.48
CA SER B 14 -21.43 -16.57 2.91
C SER B 14 -21.49 -15.11 3.09
N TYR B 15 -20.89 -14.41 2.13
CA TYR B 15 -20.96 -12.95 2.05
C TYR B 15 -22.41 -12.51 2.12
N ILE B 16 -23.29 -13.21 1.46
CA ILE B 16 -24.65 -12.74 1.33
C ILE B 16 -25.41 -13.00 2.66
N LYS B 17 -25.10 -14.17 3.22
CA LYS B 17 -25.56 -14.62 4.53
C LYS B 17 -24.94 -13.83 5.69
N SER B 18 -23.72 -13.34 5.55
CA SER B 18 -23.07 -12.59 6.63
C SER B 18 -23.41 -11.09 6.64
N PHE B 19 -23.72 -10.52 5.48
CA PHE B 19 -23.95 -9.09 5.38
C PHE B 19 -25.38 -8.79 4.88
N PRO B 20 -26.26 -8.23 5.75
CA PRO B 20 -27.63 -7.87 5.36
C PRO B 20 -27.73 -6.92 4.19
N LEU B 21 -27.00 -5.80 4.23
CA LEU B 21 -27.00 -4.87 3.10
C LEU B 21 -25.82 -5.15 2.10
N THR B 22 -26.17 -5.64 0.91
CA THR B 22 -25.21 -5.89 -0.18
C THR B 22 -25.03 -4.62 -1.03
N LYS B 23 -23.96 -4.56 -1.82
CA LYS B 23 -23.78 -3.45 -2.76
C LYS B 23 -24.95 -3.35 -3.73
N ALA B 24 -25.49 -4.48 -4.19
CA ALA B 24 -26.58 -4.45 -5.14
C ALA B 24 -27.82 -3.65 -4.64
N LYS B 25 -28.28 -3.98 -3.43
CA LYS B 25 -29.41 -3.32 -2.80
C LYS B 25 -29.10 -1.86 -2.50
N ALA B 26 -27.95 -1.60 -1.86
CA ALA B 26 -27.44 -0.25 -1.67
C ALA B 26 -27.50 0.59 -2.97
N ARG B 27 -26.96 0.06 -4.06
CA ARG B 27 -26.94 0.76 -5.37
C ARG B 27 -28.33 1.03 -5.88
N ALA B 28 -29.25 0.09 -5.71
CA ALA B 28 -30.64 0.32 -6.08
C ALA B 28 -31.30 1.46 -5.27
N ILE B 29 -30.90 1.63 -4.02
CA ILE B 29 -31.44 2.69 -3.17
C ILE B 29 -30.84 4.04 -3.56
N LEU B 30 -29.51 4.11 -3.64
CA LEU B 30 -28.82 5.30 -4.15
C LEU B 30 -29.37 5.81 -5.50
N THR B 31 -29.73 4.89 -6.40
CA THR B 31 -30.26 5.22 -7.71
C THR B 31 -31.80 5.15 -7.67
N GLY B 32 -32.41 4.19 -8.38
CA GLY B 32 -33.87 4.13 -8.42
C GLY B 32 -34.50 2.79 -8.70
N LYS B 33 -34.12 1.77 -7.94
CA LYS B 33 -34.74 0.46 -8.06
C LYS B 33 -35.54 0.10 -6.80
N THR B 34 -36.48 -0.83 -6.96
CA THR B 34 -37.49 -1.23 -5.95
C THR B 34 -38.42 -0.10 -5.44
N THR B 35 -39.53 -0.48 -4.80
CA THR B 35 -40.51 0.50 -4.28
C THR B 35 -40.71 0.36 -2.76
N ASP B 36 -40.37 1.42 -2.02
CA ASP B 36 -40.26 1.34 -0.55
C ASP B 36 -41.10 2.35 0.27
N LYS B 37 -40.74 3.65 0.31
CA LYS B 37 -39.81 4.29 -0.64
C LYS B 37 -38.52 4.93 -0.05
N SER B 38 -38.14 6.07 -0.62
CA SER B 38 -36.85 6.74 -0.42
C SER B 38 -36.38 6.87 1.02
N PRO B 39 -35.05 6.69 1.25
CA PRO B 39 -34.49 6.86 2.57
C PRO B 39 -34.58 8.31 3.05
N PHE B 40 -34.76 8.47 4.35
CA PHE B 40 -34.79 9.79 4.97
C PHE B 40 -33.42 10.46 4.88
N VAL B 41 -33.35 11.65 4.32
CA VAL B 41 -32.10 12.39 4.28
C VAL B 41 -31.83 13.16 5.60
N ILE B 42 -30.67 12.89 6.18
CA ILE B 42 -30.15 13.60 7.31
C ILE B 42 -29.08 14.56 6.85
N TYR B 43 -29.32 15.84 7.08
CA TYR B 43 -28.45 16.90 6.58
C TYR B 43 -28.21 18.01 7.62
N ASP B 44 -28.96 17.99 8.71
CA ASP B 44 -28.73 18.95 9.81
C ASP B 44 -29.09 18.36 11.18
N MET B 45 -29.01 19.19 12.22
CA MET B 45 -29.39 18.81 13.56
C MET B 45 -30.86 18.40 13.55
N ASN B 46 -31.70 19.26 13.00
CA ASN B 46 -33.14 19.04 13.04
C ASN B 46 -33.63 17.90 12.12
N SER B 47 -33.01 17.70 10.96
CA SER B 47 -33.31 16.49 10.16
C SER B 47 -32.78 15.23 10.83
N LEU B 48 -31.64 15.34 11.50
CA LEU B 48 -31.13 14.28 12.38
C LEU B 48 -32.16 14.05 13.47
N MET B 49 -32.63 15.14 14.07
CA MET B 49 -33.50 15.03 15.22
C MET B 49 -34.82 14.44 14.81
N MET B 50 -35.34 14.93 13.69
CA MET B 50 -36.56 14.40 13.06
C MET B 50 -36.37 12.96 12.58
N GLY B 51 -35.17 12.61 12.11
CA GLY B 51 -34.85 11.24 11.71
C GLY B 51 -34.80 10.30 12.90
N GLU B 52 -34.09 10.72 13.95
CA GLU B 52 -34.01 9.99 15.22
C GLU B 52 -35.38 9.84 15.84
N ASP B 53 -36.19 10.87 15.68
CA ASP B 53 -37.59 10.88 16.13
C ASP B 53 -38.43 9.76 15.48
N LYS B 54 -37.89 9.18 14.41
CA LYS B 54 -38.47 7.99 13.82
C LYS B 54 -37.76 6.76 14.42
N ILE B 55 -36.93 6.07 13.63
CA ILE B 55 -36.52 4.66 13.89
C ILE B 55 -36.97 3.88 12.63
N LYS B 56 -36.43 2.71 12.27
CA LYS B 56 -35.44 1.84 12.96
C LYS B 56 -36.04 1.01 14.12
N GLN B 66 -25.22 8.50 26.19
CA GLN B 66 -26.49 8.89 25.54
C GLN B 66 -26.57 10.44 25.25
N SER B 67 -25.52 10.93 24.59
CA SER B 67 -25.16 12.36 24.57
C SER B 67 -25.92 13.30 23.64
N LYS B 68 -26.27 14.45 24.20
CA LYS B 68 -26.96 15.51 23.48
C LYS B 68 -26.11 16.47 22.64
N GLU B 69 -24.81 16.19 22.56
CA GLU B 69 -23.95 16.79 21.53
C GLU B 69 -23.93 15.93 20.26
N VAL B 70 -24.30 16.52 19.12
CA VAL B 70 -24.53 15.82 17.84
C VAL B 70 -23.35 15.02 17.36
N ALA B 71 -22.17 15.67 17.32
CA ALA B 71 -20.90 15.05 16.95
C ALA B 71 -20.60 13.77 17.72
N ILE B 72 -20.85 13.83 19.04
CA ILE B 72 -20.63 12.71 19.97
C ILE B 72 -21.77 11.70 19.84
N ARG B 73 -22.99 12.16 19.71
CA ARG B 73 -24.12 11.25 19.48
C ARG B 73 -23.90 10.43 18.16
N ILE B 74 -23.65 11.11 17.05
CA ILE B 74 -23.36 10.41 15.77
C ILE B 74 -22.23 9.38 15.93
N PHE B 75 -21.10 9.83 16.48
CA PHE B 75 -19.96 8.95 16.83
C PHE B 75 -20.36 7.71 17.65
N GLN B 76 -21.12 7.94 18.73
CA GLN B 76 -21.70 6.87 19.52
C GLN B 76 -22.43 5.85 18.61
N GLY B 77 -23.26 6.34 17.69
CA GLY B 77 -24.02 5.48 16.76
C GLY B 77 -23.18 4.61 15.84
N CYS B 78 -22.10 5.18 15.30
CA CYS B 78 -21.15 4.42 14.47
C CYS B 78 -20.40 3.41 15.29
N GLN B 79 -20.10 3.76 16.54
CA GLN B 79 -19.35 2.84 17.36
C GLN B 79 -20.11 1.54 17.43
N PHE B 80 -21.41 1.62 17.75
CA PHE B 80 -22.27 0.46 17.85
C PHE B 80 -22.43 -0.27 16.52
N ARG B 81 -22.55 0.49 15.45
CA ARG B 81 -22.66 -0.10 14.15
C ARG B 81 -21.37 -0.87 13.82
N SER B 82 -20.22 -0.28 14.11
CA SER B 82 -18.92 -0.94 13.96
C SER B 82 -18.74 -2.22 14.79
N VAL B 83 -19.24 -2.25 16.04
CA VAL B 83 -19.31 -3.48 16.86
C VAL B 83 -20.09 -4.60 16.12
N GLU B 84 -21.27 -4.25 15.59
CA GLU B 84 -22.03 -5.14 14.70
C GLU B 84 -21.19 -5.65 13.53
N ALA B 85 -20.47 -4.73 12.88
CA ALA B 85 -19.73 -5.03 11.63
C ALA B 85 -18.64 -6.01 11.87
N VAL B 86 -18.00 -5.84 13.03
CA VAL B 86 -16.90 -6.73 13.48
C VAL B 86 -17.36 -8.17 13.67
N GLN B 87 -18.58 -8.35 14.17
CA GLN B 87 -19.24 -9.64 14.29
C GLN B 87 -19.57 -10.23 12.92
N GLU B 88 -20.09 -9.41 11.99
CA GLU B 88 -20.41 -9.84 10.62
C GLU B 88 -19.19 -10.36 9.89
N ILE B 89 -18.12 -9.57 9.94
CA ILE B 89 -16.82 -9.93 9.36
C ILE B 89 -16.18 -11.18 9.99
N THR B 90 -16.37 -11.33 11.32
CA THR B 90 -15.81 -12.51 12.00
C THR B 90 -16.43 -13.75 11.46
N GLU B 91 -17.74 -13.70 11.32
CA GLU B 91 -18.48 -14.84 10.87
C GLU B 91 -18.24 -15.14 9.39
N TYR B 92 -18.03 -14.09 8.59
CA TYR B 92 -17.63 -14.33 7.23
C TYR B 92 -16.26 -15.00 7.17
N ALA B 93 -15.28 -14.46 7.90
CA ALA B 93 -13.92 -15.01 7.98
C ALA B 93 -13.90 -16.50 8.29
N LYS B 94 -14.83 -16.92 9.13
CA LYS B 94 -14.92 -18.30 9.54
C LYS B 94 -15.35 -19.18 8.39
N SER B 95 -16.11 -18.60 7.46
CA SER B 95 -16.62 -19.34 6.29
C SER B 95 -15.56 -19.47 5.17
N ILE B 96 -14.40 -18.83 5.33
CA ILE B 96 -13.31 -19.02 4.39
C ILE B 96 -12.64 -20.36 4.72
N PRO B 97 -12.60 -21.28 3.70
CA PRO B 97 -12.03 -22.63 3.85
C PRO B 97 -10.57 -22.54 4.26
N GLY B 98 -10.20 -23.25 5.31
CA GLY B 98 -8.83 -23.13 5.81
C GLY B 98 -8.63 -22.25 7.03
N PHE B 99 -9.43 -21.18 7.17
CA PHE B 99 -9.25 -20.14 8.21
C PHE B 99 -9.42 -20.65 9.63
N VAL B 100 -10.46 -21.43 9.91
CA VAL B 100 -10.67 -21.93 11.29
C VAL B 100 -9.60 -22.94 11.74
N ASN B 101 -8.99 -23.65 10.79
CA ASN B 101 -7.89 -24.57 11.08
C ASN B 101 -6.63 -23.83 11.48
N LEU B 102 -6.59 -22.52 11.22
CA LEU B 102 -5.44 -21.71 11.55
C LEU B 102 -5.20 -21.65 13.07
N ASP B 103 -3.94 -21.41 13.45
CA ASP B 103 -3.64 -21.06 14.83
C ASP B 103 -4.67 -20.00 15.24
N LEU B 104 -5.35 -20.28 16.33
CA LEU B 104 -6.35 -19.39 16.90
C LEU B 104 -5.81 -17.99 17.26
N ASN B 105 -4.56 -17.91 17.67
CA ASN B 105 -3.95 -16.62 17.90
C ASN B 105 -3.84 -15.84 16.53
N ASP B 106 -3.44 -16.53 15.47
CA ASP B 106 -3.38 -15.89 14.11
C ASP B 106 -4.74 -15.45 13.62
N GLN B 107 -5.77 -16.29 13.80
CA GLN B 107 -7.14 -15.90 13.44
C GLN B 107 -7.46 -14.56 14.09
N VAL B 108 -6.96 -14.35 15.32
CA VAL B 108 -7.19 -13.12 16.07
C VAL B 108 -6.48 -11.96 15.43
N THR B 109 -5.14 -12.06 15.34
CA THR B 109 -4.30 -11.14 14.56
C THR B 109 -4.92 -10.75 13.16
N LEU B 110 -5.30 -11.76 12.37
CA LEU B 110 -5.96 -11.51 11.07
C LEU B 110 -7.23 -10.64 11.16
N LEU B 111 -8.13 -10.95 12.10
CA LEU B 111 -9.32 -10.11 12.35
C LEU B 111 -8.97 -8.73 12.87
N LYS B 112 -8.20 -8.69 13.93
CA LYS B 112 -7.81 -7.44 14.53
C LYS B 112 -7.38 -6.40 13.45
N TYR B 113 -6.53 -6.81 12.50
CA TYR B 113 -5.99 -5.92 11.44
C TYR B 113 -6.80 -5.81 10.15
N GLY B 114 -7.48 -6.87 9.78
CA GLY B 114 -8.13 -6.90 8.47
C GLY B 114 -9.43 -6.15 8.54
N VAL B 115 -9.95 -6.10 9.76
CA VAL B 115 -11.34 -5.73 10.00
C VAL B 115 -11.64 -4.29 9.56
N HIS B 116 -10.69 -3.37 9.79
CA HIS B 116 -10.94 -2.00 9.46
C HIS B 116 -10.80 -1.72 7.95
N GLU B 117 -9.83 -2.39 7.33
CA GLU B 117 -9.71 -2.45 5.87
C GLU B 117 -10.97 -3.00 5.20
N ILE B 118 -11.54 -4.06 5.75
CA ILE B 118 -12.86 -4.56 5.27
C ILE B 118 -14.00 -3.55 5.46
N ILE B 119 -14.03 -2.87 6.59
CA ILE B 119 -15.14 -1.93 6.84
C ILE B 119 -15.12 -0.80 5.81
N TYR B 120 -13.95 -0.28 5.51
CA TYR B 120 -13.86 0.82 4.57
C TYR B 120 -14.13 0.39 3.15
N THR B 121 -13.74 -0.83 2.81
CA THR B 121 -14.02 -1.36 1.53
C THR B 121 -15.55 -1.43 1.40
N MET B 122 -16.19 -2.10 2.36
CA MET B 122 -17.63 -2.33 2.30
C MET B 122 -18.51 -1.08 2.47
N LEU B 123 -17.99 -0.08 3.18
CA LEU B 123 -18.67 1.20 3.34
C LEU B 123 -18.79 1.97 2.00
N ALA B 124 -17.80 1.80 1.13
CA ALA B 124 -17.80 2.31 -0.25
C ALA B 124 -19.05 1.93 -1.05
N SER B 125 -19.49 0.67 -0.94
CA SER B 125 -20.78 0.20 -1.50
C SER B 125 -21.98 1.05 -1.08
N LEU B 126 -21.83 1.75 0.06
CA LEU B 126 -22.92 2.46 0.72
C LEU B 126 -22.92 3.99 0.47
N MET B 127 -21.82 4.46 -0.10
CA MET B 127 -21.56 5.85 -0.41
C MET B 127 -21.81 6.20 -1.89
N ASN B 128 -22.30 7.40 -2.14
CA ASN B 128 -21.98 8.12 -3.38
C ASN B 128 -21.15 9.34 -3.01
N LYS B 129 -20.98 10.26 -3.93
CA LYS B 129 -20.17 11.45 -3.64
C LYS B 129 -20.85 12.38 -2.67
N ASP B 130 -22.14 12.18 -2.42
CA ASP B 130 -22.94 13.15 -1.66
C ASP B 130 -23.32 12.70 -0.25
N GLY B 131 -23.14 11.43 0.06
CA GLY B 131 -23.53 10.97 1.39
C GLY B 131 -23.43 9.48 1.51
N VAL B 132 -23.93 8.97 2.62
CA VAL B 132 -23.77 7.58 2.97
C VAL B 132 -25.09 6.98 3.48
N LEU B 133 -25.43 5.80 2.97
CA LEU B 133 -26.55 5.04 3.48
C LEU B 133 -26.31 4.66 4.95
N ILE B 134 -27.35 4.92 5.77
CA ILE B 134 -27.36 4.48 7.17
C ILE B 134 -28.63 3.71 7.49
N SER B 135 -28.65 3.08 8.68
CA SER B 135 -29.78 2.26 9.16
C SER B 135 -30.23 1.21 8.18
N GLU B 136 -29.27 0.46 7.65
CA GLU B 136 -29.54 -0.54 6.63
C GLU B 136 -30.39 0.04 5.49
N GLY B 137 -29.95 1.17 4.93
CA GLY B 137 -30.61 1.83 3.80
C GLY B 137 -31.85 2.64 4.08
N GLN B 138 -32.27 2.75 5.35
CA GLN B 138 -33.47 3.50 5.76
C GLN B 138 -33.21 5.02 5.81
N GLY B 139 -31.93 5.37 5.85
CA GLY B 139 -31.47 6.74 6.03
C GLY B 139 -30.32 7.04 5.09
N PHE B 140 -30.03 8.32 4.93
CA PHE B 140 -28.96 8.78 4.07
C PHE B 140 -28.37 10.04 4.70
N MET B 141 -27.12 9.96 5.12
CA MET B 141 -26.50 11.08 5.80
C MET B 141 -25.52 11.73 4.85
N THR B 142 -25.63 13.04 4.71
CA THR B 142 -24.86 13.77 3.71
C THR B 142 -23.40 13.99 4.11
N ARG B 143 -22.54 13.87 3.11
CA ARG B 143 -21.13 14.15 3.24
C ARG B 143 -20.94 15.51 3.88
N GLU B 144 -21.69 16.50 3.40
CA GLU B 144 -21.56 17.91 3.82
C GLU B 144 -21.87 18.12 5.30
N PHE B 145 -22.95 17.47 5.76
CA PHE B 145 -23.35 17.44 7.17
C PHE B 145 -22.21 16.87 8.04
N LEU B 146 -21.65 15.71 7.65
CA LEU B 146 -20.54 15.07 8.38
C LEU B 146 -19.23 15.88 8.41
N LYS B 147 -18.97 16.61 7.32
CA LYS B 147 -17.83 17.48 7.19
C LYS B 147 -17.90 18.68 8.14
N SER B 148 -19.12 19.16 8.37
CA SER B 148 -19.41 20.34 9.21
C SER B 148 -19.26 20.09 10.71
N LEU B 149 -19.20 18.81 11.11
CA LEU B 149 -19.13 18.44 12.52
C LEU B 149 -17.85 19.02 13.05
N ARG B 150 -17.87 19.34 14.33
CA ARG B 150 -16.83 20.18 14.90
C ARG B 150 -15.55 19.41 15.19
N LYS B 151 -14.49 20.19 15.39
CA LYS B 151 -13.24 19.79 16.04
C LYS B 151 -12.51 18.57 15.46
N PRO B 152 -12.64 17.38 16.09
CA PRO B 152 -12.02 16.20 15.46
C PRO B 152 -12.99 15.38 14.60
N PHE B 153 -14.26 15.40 14.95
CA PHE B 153 -15.21 14.45 14.40
C PHE B 153 -15.56 14.74 12.94
N GLY B 154 -15.39 16.01 12.54
CA GLY B 154 -15.77 16.48 11.22
C GLY B 154 -14.91 16.03 10.06
N ASP B 155 -13.75 15.47 10.36
CA ASP B 155 -12.91 14.99 9.26
C ASP B 155 -12.58 13.52 9.39
N PHE B 156 -13.45 12.80 10.10
CA PHE B 156 -13.35 11.37 10.22
C PHE B 156 -13.77 10.74 8.89
N MET B 157 -14.96 11.12 8.42
CA MET B 157 -15.59 10.52 7.25
C MET B 157 -15.00 10.93 5.90
N GLU B 158 -14.49 12.14 5.78
CA GLU B 158 -14.02 12.67 4.48
C GLU B 158 -12.99 11.85 3.65
N PRO B 159 -11.99 11.24 4.29
CA PRO B 159 -11.07 10.41 3.51
C PRO B 159 -11.71 9.11 3.05
N LYS B 160 -12.76 8.70 3.74
CA LYS B 160 -13.48 7.47 3.42
C LYS B 160 -14.28 7.72 2.16
N PHE B 161 -14.99 8.85 2.15
CA PHE B 161 -15.69 9.33 0.96
C PHE B 161 -14.76 9.43 -0.27
N GLU B 162 -13.59 10.06 -0.11
CA GLU B 162 -12.60 10.22 -1.18
C GLU B 162 -12.15 8.87 -1.71
N PHE B 163 -11.81 7.95 -0.80
CA PHE B 163 -11.50 6.56 -1.17
C PHE B 163 -12.65 5.90 -1.93
N ALA B 164 -13.87 6.02 -1.38
CA ALA B 164 -15.03 5.37 -1.96
C ALA B 164 -15.27 5.89 -3.39
N VAL B 165 -15.10 7.19 -3.60
CA VAL B 165 -15.33 7.73 -4.93
C VAL B 165 -14.41 7.02 -5.94
N LYS B 166 -13.12 6.87 -5.60
CA LYS B 166 -12.17 6.23 -6.52
C LYS B 166 -12.39 4.70 -6.61
N PHE B 167 -12.70 4.06 -5.48
CA PHE B 167 -13.03 2.62 -5.46
C PHE B 167 -14.34 2.26 -6.19
N ASN B 168 -15.38 3.08 -6.04
CA ASN B 168 -16.65 2.78 -6.73
C ASN B 168 -16.58 2.91 -8.28
N ALA B 169 -15.53 3.59 -8.77
CA ALA B 169 -15.31 3.76 -10.20
C ALA B 169 -14.88 2.45 -10.85
N LEU B 170 -14.36 1.52 -10.03
CA LEU B 170 -13.90 0.23 -10.50
C LEU B 170 -15.08 -0.67 -10.79
N GLU B 171 -16.22 -0.34 -10.20
CA GLU B 171 -17.50 -0.99 -10.53
C GLU B 171 -17.55 -2.46 -10.18
N LEU B 172 -16.94 -2.83 -9.05
CA LEU B 172 -16.97 -4.24 -8.61
C LEU B 172 -18.34 -4.57 -8.16
N ASP B 173 -18.74 -5.81 -8.27
CA ASP B 173 -19.96 -6.22 -7.62
C ASP B 173 -19.71 -7.12 -6.41
N ASP B 174 -20.81 -7.56 -5.82
CA ASP B 174 -20.78 -8.32 -4.58
C ASP B 174 -19.93 -9.59 -4.68
N SER B 175 -20.00 -10.29 -5.82
CA SER B 175 -19.17 -11.48 -6.07
C SER B 175 -17.69 -11.18 -6.25
N ASP B 176 -17.35 -10.00 -6.78
CA ASP B 176 -15.93 -9.59 -6.75
C ASP B 176 -15.49 -9.28 -5.32
N LEU B 177 -16.29 -8.47 -4.64
CA LEU B 177 -16.00 -8.02 -3.28
C LEU B 177 -15.87 -9.20 -2.26
N ALA B 178 -16.76 -10.17 -2.32
CA ALA B 178 -16.69 -11.43 -1.56
C ALA B 178 -15.28 -11.99 -1.44
N ILE B 179 -14.58 -12.09 -2.57
CA ILE B 179 -13.25 -12.74 -2.64
C ILE B 179 -12.11 -11.78 -2.27
N PHE B 180 -12.30 -10.53 -2.67
CA PHE B 180 -11.40 -9.47 -2.31
C PHE B 180 -11.36 -9.22 -0.79
N ILE B 181 -12.52 -9.23 -0.13
CA ILE B 181 -12.62 -9.25 1.34
C ILE B 181 -11.80 -10.41 1.98
N ALA B 182 -12.01 -11.62 1.46
CA ALA B 182 -11.23 -12.84 1.83
C ALA B 182 -9.74 -12.72 1.67
N VAL B 183 -9.30 -12.12 0.55
CA VAL B 183 -7.88 -11.80 0.32
C VAL B 183 -7.34 -10.87 1.43
N ILE B 184 -8.08 -9.81 1.76
CA ILE B 184 -7.68 -8.87 2.83
C ILE B 184 -7.41 -9.59 4.18
N ILE B 185 -8.35 -10.41 4.62
CA ILE B 185 -8.28 -11.15 5.89
C ILE B 185 -7.04 -12.01 5.94
N LEU B 186 -6.82 -12.74 4.85
CA LEU B 186 -5.72 -13.68 4.75
C LEU B 186 -4.43 -13.02 4.33
N SER B 187 -4.10 -11.88 4.96
CA SER B 187 -2.87 -11.14 4.71
C SER B 187 -1.77 -11.71 5.58
N GLY B 188 -0.79 -12.35 4.92
CA GLY B 188 0.30 -13.01 5.61
C GLY B 188 1.31 -12.03 6.15
N ASP B 189 1.08 -10.74 5.97
CA ASP B 189 2.00 -9.72 6.49
C ASP B 189 1.58 -9.01 7.77
N ARG B 190 0.56 -9.50 8.47
CA ARG B 190 0.14 -8.83 9.71
C ARG B 190 1.26 -8.88 10.75
N PRO B 191 1.47 -7.76 11.47
CA PRO B 191 2.44 -7.82 12.53
C PRO B 191 2.07 -8.92 13.50
N GLY B 192 3.02 -9.81 13.76
CA GLY B 192 2.96 -10.73 14.91
C GLY B 192 2.24 -12.04 14.65
N LEU B 193 1.96 -12.33 13.37
CA LEU B 193 1.49 -13.67 13.01
C LEU B 193 2.53 -14.72 13.39
N LEU B 194 2.07 -15.90 13.80
CA LEU B 194 2.98 -16.99 14.16
C LEU B 194 3.33 -17.92 13.01
N ASN B 195 2.32 -18.24 12.19
CA ASN B 195 2.49 -19.13 11.04
C ASN B 195 2.05 -18.43 9.72
N VAL B 196 2.90 -17.54 9.22
CA VAL B 196 2.73 -16.87 7.91
C VAL B 196 2.37 -17.84 6.75
N LYS B 197 3.12 -18.93 6.62
CA LYS B 197 2.97 -19.91 5.51
C LYS B 197 1.54 -20.42 5.20
N PRO B 198 0.86 -21.10 6.15
CA PRO B 198 -0.46 -21.66 5.82
C PRO B 198 -1.55 -20.61 5.50
N ILE B 199 -1.31 -19.37 5.86
CA ILE B 199 -2.18 -18.25 5.58
C ILE B 199 -1.93 -17.80 4.15
N GLU B 200 -0.66 -17.82 3.79
CA GLU B 200 -0.24 -17.47 2.45
C GLU B 200 -0.70 -18.47 1.41
N ASP B 201 -0.56 -19.76 1.71
CA ASP B 201 -1.13 -20.84 0.89
C ASP B 201 -2.60 -20.63 0.60
N ILE B 202 -3.37 -20.25 1.62
CA ILE B 202 -4.81 -19.95 1.42
C ILE B 202 -5.03 -18.72 0.55
N GLN B 203 -4.27 -17.65 0.79
CA GLN B 203 -4.42 -16.41 0.04
C GLN B 203 -4.05 -16.59 -1.41
N ASP B 204 -3.07 -17.44 -1.65
CA ASP B 204 -2.74 -17.88 -2.98
C ASP B 204 -3.97 -18.35 -3.73
N ASN B 205 -4.72 -19.30 -3.16
CA ASN B 205 -5.92 -19.84 -3.78
C ASN B 205 -6.97 -18.76 -4.03
N LEU B 206 -7.04 -17.81 -3.09
CA LEU B 206 -8.07 -16.75 -3.09
C LEU B 206 -7.80 -15.75 -4.20
N LEU B 207 -6.52 -15.42 -4.35
CA LEU B 207 -5.95 -14.60 -5.41
C LEU B 207 -6.20 -15.17 -6.83
N GLN B 208 -5.96 -16.49 -7.01
CA GLN B 208 -6.37 -17.20 -8.23
C GLN B 208 -7.89 -17.13 -8.45
N ALA B 209 -8.68 -17.36 -7.41
CA ALA B 209 -10.14 -17.30 -7.57
C ALA B 209 -10.62 -15.88 -7.99
N LEU B 210 -9.97 -14.87 -7.41
CA LEU B 210 -10.27 -13.47 -7.67
C LEU B 210 -9.79 -13.01 -9.08
N GLU B 211 -8.54 -13.33 -9.43
CA GLU B 211 -8.03 -13.06 -10.78
C GLU B 211 -8.98 -13.61 -11.82
N LEU B 212 -9.40 -14.87 -11.62
CA LEU B 212 -10.35 -15.52 -12.51
C LEU B 212 -11.72 -14.86 -12.52
N GLN B 213 -12.21 -14.48 -11.35
CA GLN B 213 -13.49 -13.80 -11.22
C GLN B 213 -13.51 -12.48 -11.99
N LEU B 214 -12.40 -11.72 -11.89
CA LEU B 214 -12.34 -10.39 -12.52
C LEU B 214 -12.26 -10.50 -14.04
N LYS B 215 -11.56 -11.53 -14.53
CA LYS B 215 -11.33 -11.71 -15.95
C LYS B 215 -12.61 -12.00 -16.69
N LEU B 216 -13.39 -12.88 -16.10
CA LEU B 216 -14.66 -13.35 -16.58
C LEU B 216 -15.81 -12.32 -16.53
N ASN B 217 -15.88 -11.59 -15.42
CA ASN B 217 -16.98 -10.68 -15.10
C ASN B 217 -16.59 -9.25 -15.46
N HIS B 218 -15.30 -9.02 -15.73
CA HIS B 218 -14.86 -7.71 -16.23
C HIS B 218 -13.95 -7.89 -17.47
N PRO B 219 -14.50 -8.46 -18.57
CA PRO B 219 -13.65 -8.74 -19.73
C PRO B 219 -12.98 -7.52 -20.40
N GLU B 220 -13.61 -6.34 -20.31
CA GLU B 220 -13.10 -5.10 -20.91
C GLU B 220 -11.95 -4.37 -20.17
N SER B 221 -11.71 -4.73 -18.90
CA SER B 221 -10.63 -4.11 -18.15
C SER B 221 -9.68 -5.18 -17.72
N SER B 222 -8.65 -5.32 -18.52
CA SER B 222 -7.66 -6.38 -18.47
C SER B 222 -6.77 -6.30 -17.23
N GLN B 223 -6.56 -5.08 -16.73
CA GLN B 223 -5.66 -4.90 -15.59
C GLN B 223 -6.39 -4.56 -14.26
N LEU B 224 -7.65 -4.96 -14.15
CA LEU B 224 -8.49 -4.72 -12.98
C LEU B 224 -7.97 -5.41 -11.67
N PHE B 225 -7.46 -6.63 -11.81
CA PHE B 225 -6.84 -7.41 -10.76
C PHE B 225 -5.70 -6.64 -10.10
N ALA B 226 -4.76 -6.16 -10.93
CA ALA B 226 -3.67 -5.25 -10.56
C ALA B 226 -4.15 -3.96 -9.87
N LYS B 227 -5.04 -3.21 -10.53
CA LYS B 227 -5.64 -2.01 -9.92
C LYS B 227 -6.19 -2.33 -8.53
N LEU B 228 -7.02 -3.38 -8.43
CA LEU B 228 -7.60 -3.77 -7.16
C LEU B 228 -6.59 -4.09 -6.05
N LEU B 229 -5.56 -4.87 -6.37
CA LEU B 229 -4.40 -5.05 -5.50
C LEU B 229 -3.72 -3.77 -5.07
N GLN B 230 -3.59 -2.81 -5.96
CA GLN B 230 -3.04 -1.53 -5.58
C GLN B 230 -3.88 -0.73 -4.58
N LYS B 231 -5.17 -1.00 -4.51
CA LYS B 231 -6.05 -0.30 -3.56
C LYS B 231 -5.75 -0.58 -2.07
N MET B 232 -4.77 -1.45 -1.82
CA MET B 232 -4.24 -1.78 -0.50
C MET B 232 -3.51 -0.61 0.13
N THR B 233 -2.64 0.04 -0.62
CA THR B 233 -1.89 1.17 -0.06
C THR B 233 -2.88 2.19 0.48
N ASP B 234 -3.85 2.52 -0.37
CA ASP B 234 -4.92 3.44 -0.10
C ASP B 234 -5.74 3.02 1.14
N LEU B 235 -5.89 1.72 1.34
CA LEU B 235 -6.61 1.16 2.50
C LEU B 235 -5.80 1.21 3.81
N ARG B 236 -4.60 0.63 3.82
CA ARG B 236 -3.57 0.90 4.84
C ARG B 236 -3.52 2.38 5.24
N GLN B 237 -3.32 3.27 4.26
CA GLN B 237 -3.36 4.70 4.51
C GLN B 237 -4.61 5.15 5.26
N ILE B 238 -5.80 4.79 4.77
CA ILE B 238 -7.04 5.17 5.50
C ILE B 238 -6.96 4.78 7.00
N VAL B 239 -6.48 3.58 7.28
CA VAL B 239 -6.47 3.05 8.64
C VAL B 239 -5.55 3.85 9.57
N THR B 240 -4.33 4.12 9.09
CA THR B 240 -3.36 4.88 9.89
C THR B 240 -3.87 6.31 10.17
N GLU B 241 -4.45 6.94 9.15
CA GLU B 241 -5.10 8.25 9.30
C GLU B 241 -6.19 8.20 10.38
N HIS B 242 -7.15 7.28 10.22
CA HIS B 242 -8.22 7.06 11.19
C HIS B 242 -7.71 6.95 12.63
N VAL B 243 -6.62 6.22 12.83
CA VAL B 243 -5.99 6.03 14.15
C VAL B 243 -5.44 7.33 14.78
N GLN B 244 -4.78 8.18 13.99
CA GLN B 244 -4.36 9.51 14.47
C GLN B 244 -5.53 10.38 14.98
N LEU B 245 -6.66 10.32 14.30
CA LEU B 245 -7.86 11.03 14.75
C LEU B 245 -8.41 10.35 16.03
N LEU B 246 -8.33 9.03 16.11
CA LEU B 246 -8.64 8.34 17.36
C LEU B 246 -7.78 8.88 18.54
N GLN B 247 -6.46 8.94 18.36
CA GLN B 247 -5.54 9.49 19.40
C GLN B 247 -5.88 10.91 19.84
N VAL B 248 -6.55 11.67 18.98
CA VAL B 248 -6.98 13.03 19.31
C VAL B 248 -8.18 13.01 20.26
N ILE B 249 -9.15 12.16 19.97
CA ILE B 249 -10.28 11.98 20.88
C ILE B 249 -9.74 11.54 22.24
N LYS B 250 -8.86 10.54 22.19
CA LYS B 250 -8.19 9.97 23.36
C LYS B 250 -7.61 11.08 24.24
N LYS B 251 -7.33 12.23 23.61
CA LYS B 251 -6.57 13.29 24.25
C LYS B 251 -7.29 14.63 24.46
N THR B 252 -8.42 14.86 23.78
CA THR B 252 -9.13 16.14 23.93
C THR B 252 -10.59 16.01 24.41
N GLU B 253 -11.13 14.80 24.32
CA GLU B 253 -12.47 14.52 24.81
C GLU B 253 -12.32 13.72 26.11
N THR B 254 -13.12 14.03 27.12
CA THR B 254 -13.06 13.35 28.43
C THR B 254 -14.05 12.18 28.54
N ASP B 255 -15.33 12.48 28.34
CA ASP B 255 -16.43 11.53 28.55
C ASP B 255 -16.81 10.76 27.29
N MET B 256 -15.86 10.03 26.70
CA MET B 256 -16.03 9.45 25.35
C MET B 256 -16.56 8.01 25.27
N SER B 257 -16.24 7.18 26.26
CA SER B 257 -16.70 5.77 26.32
C SER B 257 -16.52 4.98 25.02
N LEU B 258 -15.31 4.49 24.75
CA LEU B 258 -15.10 3.56 23.61
C LEU B 258 -15.50 2.15 24.02
N HIS B 259 -16.13 1.47 23.07
CA HIS B 259 -16.64 0.10 23.27
C HIS B 259 -15.54 -0.88 23.53
N PRO B 260 -15.71 -1.74 24.55
CA PRO B 260 -14.74 -2.82 24.85
C PRO B 260 -14.25 -3.67 23.61
N LEU B 261 -15.11 -3.98 22.65
CA LEU B 261 -14.64 -4.71 21.45
C LEU B 261 -13.71 -3.86 20.57
N LEU B 262 -14.05 -2.60 20.39
CA LEU B 262 -13.21 -1.66 19.64
C LEU B 262 -11.88 -1.38 20.30
N GLN B 263 -11.93 -1.12 21.59
CA GLN B 263 -10.70 -1.12 22.40
C GLN B 263 -9.76 -2.31 22.19
N GLU B 264 -10.26 -3.55 22.26
CA GLU B 264 -9.43 -4.74 21.94
C GLU B 264 -8.71 -4.61 20.58
N ILE B 265 -9.48 -4.28 19.55
CA ILE B 265 -8.97 -4.11 18.19
C ILE B 265 -7.94 -2.98 18.05
N TYR B 266 -8.26 -1.78 18.51
CA TYR B 266 -7.31 -0.65 18.46
C TYR B 266 -6.02 -0.77 19.31
N LYS B 267 -6.06 -1.58 20.36
CA LYS B 267 -4.95 -1.72 21.30
C LYS B 267 -3.74 -2.43 20.70
N ASP B 268 -2.61 -1.72 20.66
CA ASP B 268 -1.34 -2.22 20.08
C ASP B 268 -1.34 -2.38 18.56
N LEU B 269 -2.34 -1.81 17.90
CA LEU B 269 -2.43 -1.84 16.44
C LEU B 269 -1.45 -0.83 15.85
N GLU C 1 8.65 23.72 -6.31
CA GLU C 1 8.30 24.40 -7.60
C GLU C 1 9.49 24.47 -8.56
N ARG C 2 9.19 24.67 -9.85
CA ARG C 2 10.14 24.88 -10.98
C ARG C 2 11.07 23.71 -11.37
N HIS C 3 11.72 23.09 -10.39
CA HIS C 3 12.53 21.89 -10.60
C HIS C 3 13.60 22.03 -11.69
N LYS C 4 14.47 23.03 -11.50
CA LYS C 4 15.59 23.35 -12.41
C LYS C 4 16.31 22.11 -12.95
N ILE C 5 16.68 21.22 -12.04
CA ILE C 5 17.63 20.16 -12.32
C ILE C 5 16.94 18.97 -12.95
N LEU C 6 15.70 18.72 -12.57
CA LEU C 6 15.01 17.56 -13.09
C LEU C 6 14.73 17.87 -14.55
N HIS C 7 14.07 19.00 -14.80
CA HIS C 7 13.87 19.53 -16.15
C HIS C 7 15.11 19.39 -17.02
N ARG C 8 16.27 19.69 -16.42
CA ARG C 8 17.59 19.69 -17.06
C ARG C 8 18.13 18.29 -17.25
N LEU C 9 17.84 17.39 -16.32
CA LEU C 9 18.14 15.97 -16.51
C LEU C 9 17.33 15.39 -17.66
N LEU C 10 16.03 15.63 -17.66
CA LEU C 10 15.12 15.20 -18.73
C LEU C 10 15.52 15.74 -20.10
N GLN C 11 16.24 16.85 -20.11
CA GLN C 11 16.54 17.54 -21.35
C GLN C 11 17.97 17.36 -21.84
N GLU C 12 18.93 17.38 -20.93
CA GLU C 12 20.36 17.31 -21.28
C GLU C 12 21.00 15.93 -21.07
N GLY C 13 20.24 15.00 -20.48
CA GLY C 13 20.82 13.78 -19.92
C GLY C 13 21.72 14.14 -18.76
N SER C 14 22.60 13.22 -18.37
CA SER C 14 23.54 13.43 -17.24
C SER C 14 24.34 14.77 -17.34
N PRO C 15 25.52 14.93 -16.69
CA PRO C 15 26.86 14.46 -16.38
C PRO C 15 27.61 13.56 -17.36
N SER C 16 28.91 13.39 -17.09
CA SER C 16 29.78 12.52 -17.87
C SER C 16 29.96 11.17 -17.16
N GLU D 1 -2.38 -7.28 25.82
CA GLU D 1 -3.49 -7.73 24.91
C GLU D 1 -3.90 -9.18 25.19
N ARG D 2 -5.19 -9.46 25.24
CA ARG D 2 -5.65 -10.86 25.24
C ARG D 2 -6.81 -11.07 24.27
N HIS D 3 -7.53 -9.98 23.94
CA HIS D 3 -8.66 -10.01 23.01
C HIS D 3 -9.67 -11.06 23.34
N LYS D 4 -10.24 -10.89 24.54
CA LYS D 4 -11.23 -11.77 25.11
C LYS D 4 -12.52 -11.92 24.33
N ILE D 5 -13.13 -10.81 23.94
CA ILE D 5 -14.35 -10.82 23.10
C ILE D 5 -14.05 -11.42 21.72
N LEU D 6 -13.00 -10.93 21.08
CA LEU D 6 -12.55 -11.48 19.79
C LEU D 6 -12.32 -12.97 19.85
N HIS D 7 -11.67 -13.46 20.91
CA HIS D 7 -11.50 -14.89 21.12
C HIS D 7 -12.80 -15.63 21.22
N ARG D 8 -13.80 -15.13 21.95
CA ARG D 8 -15.09 -15.83 22.07
C ARG D 8 -15.79 -15.88 20.74
N LEU D 9 -15.98 -14.73 20.10
CA LEU D 9 -16.55 -14.63 18.75
C LEU D 9 -15.97 -15.67 17.76
N LEU D 10 -14.66 -15.92 17.88
CA LEU D 10 -13.96 -16.91 17.08
C LEU D 10 -14.19 -18.37 17.49
N GLN D 11 -14.83 -18.54 18.66
CA GLN D 11 -15.30 -19.86 19.11
C GLN D 11 -16.80 -20.05 18.83
N GLU D 12 -17.62 -19.07 19.22
CA GLU D 12 -19.10 -19.16 19.06
C GLU D 12 -19.75 -17.90 18.44
N GLY D 13 -20.12 -16.94 19.29
CA GLY D 13 -20.51 -15.58 18.87
C GLY D 13 -21.50 -15.35 17.74
N SER D 14 -22.79 -15.63 18.00
CA SER D 14 -23.94 -15.42 17.07
C SER D 14 -23.78 -16.06 15.66
N PRO D 15 -24.60 -15.66 14.65
CA PRO D 15 -25.73 -14.71 14.54
C PRO D 15 -27.12 -15.33 14.78
N SER D 16 -27.36 -16.49 14.15
CA SER D 16 -28.60 -17.25 14.28
C SER D 16 -28.37 -18.43 15.25
O20 LNA E . 20.22 10.85 1.30
C1 LNA E . 18.98 10.80 1.20
O19 LNA E . 18.21 10.97 2.14
C2 LNA E . 18.38 10.51 -0.14
C3 LNA E . 18.45 9.02 -0.35
C4 LNA E . 17.32 8.58 -1.25
C5 LNA E . 17.13 7.10 -0.99
C6 LNA E . 17.87 6.75 0.28
C7 LNA E . 18.56 5.43 0.15
C8 LNA E . 20.02 5.70 0.42
C9 LNA E . 20.66 5.63 -0.93
C10 LNA E . 21.69 4.87 -1.25
N21 LNA E . 22.04 4.97 -2.43
O22 LNA E . 21.45 5.68 -3.17
O23 LNA E . 22.96 4.33 -2.84
C11 LNA E . 22.59 4.10 -0.23
C12 LNA E . 23.61 3.17 -0.90
C13 LNA E . 24.31 2.51 0.06
C14 LNA E . 24.02 2.95 1.51
C15 LNA E . 25.21 3.49 2.32
C16 LNA E . 25.71 4.87 1.87
C17 LNA E . 27.22 4.98 1.68
C18 LNA E . 27.66 5.01 0.23
O20 LNB F . 18.07 10.81 2.00
C1 LNB F . 18.72 10.53 0.99
O19 LNB F . 19.94 10.80 0.96
C2 LNB F . 18.05 9.89 -0.19
C3 LNB F . 18.56 8.48 -0.40
C4 LNB F . 17.45 7.43 -0.56
C5 LNB F . 17.84 6.07 0.01
C6 LNB F . 19.29 5.99 0.39
C7 LNB F . 20.05 5.15 -0.62
C8 LNB F . 21.20 5.91 -1.27
C9 LNB F . 21.72 5.19 -2.48
C10 LNB F . 22.67 4.29 -2.26
C11 LNB F . 23.15 4.07 -0.83
C12 LNB F . 24.04 2.86 -0.67
N21 LNB F . 24.56 2.28 -1.73
O22 LNB F . 25.24 1.33 -1.63
O23 LNB F . 24.35 2.69 -2.83
C13 LNB F . 24.36 2.31 0.52
C14 LNB F . 23.87 2.81 1.87
C15 LNB F . 24.54 4.11 2.34
C16 LNB F . 26.05 4.06 2.28
C17 LNB F . 26.65 5.21 1.46
C18 LNB F . 27.95 4.85 0.80
O20 LNA G . -16.01 4.26 15.70
C1 LNA G . -14.88 3.92 15.33
O19 LNA G . -13.88 4.65 15.38
C2 LNA G . -14.68 2.54 14.78
C3 LNA G . -15.13 2.56 13.35
C4 LNA G . -14.38 1.52 12.55
C5 LNA G . -14.46 1.94 11.11
C6 LNA G . -14.95 3.37 11.06
C7 LNA G . -15.94 3.58 9.96
C8 LNA G . -17.19 4.10 10.60
C9 LNA G . -18.11 2.93 10.58
C10 LNA G . -19.36 2.93 10.08
N21 LNA G . -19.93 1.85 10.15
O22 LNA G . -19.38 0.91 10.63
O23 LNA G . -21.03 1.73 9.73
C11 LNA G . -20.10 4.22 9.64
C12 LNA G . -21.44 3.90 8.92
C13 LNA G . -22.04 5.07 8.58
C14 LNA G . -21.35 6.35 9.07
C15 LNA G . -22.17 7.30 9.94
C16 LNA G . -22.42 6.78 11.36
C17 LNA G . -23.89 6.88 11.83
C18 LNA G . -24.63 5.58 11.85
O20 LNB H . -13.71 4.40 15.22
C1 LNB H . -14.69 3.67 15.03
O19 LNB H . -15.77 3.93 15.58
C2 LNB H . -14.57 2.47 14.11
C3 LNB H . -15.40 2.66 12.85
C4 LNB H . -14.64 2.41 11.56
C5 LNB H . -15.13 3.27 10.40
C6 LNB H . -16.47 3.91 10.68
C7 LNB H . -17.57 3.18 9.96
C8 LNB H . -18.65 2.66 10.91
C9 LNB H . -19.57 1.69 10.23
C10 LNB H . -20.63 2.22 9.64
C11 LNB H . -20.82 3.73 9.70
C12 LNB H . -21.91 4.25 8.78
N21 LNB H . -22.77 3.40 8.25
O22 LNB H . -23.62 3.76 7.52
O23 LNB H . -22.73 2.24 8.49
C13 LNB H . -22.06 5.53 8.42
C14 LNB H . -21.18 6.67 8.90
C15 LNB H . -21.43 7.09 10.35
C16 LNB H . -22.88 7.33 10.69
C17 LNB H . -23.35 6.50 11.89
C18 LNB H . -24.82 6.18 11.84
#